data_9GF4
#
_entry.id   9GF4
#
_cell.length_a   38.546
_cell.length_b   47.919
_cell.length_c   153.020
_cell.angle_alpha   90.00
_cell.angle_beta   90.00
_cell.angle_gamma   90.00
#
_symmetry.space_group_name_H-M   'P 2 21 21'
#
loop_
_entity.id
_entity.type
_entity.pdbx_description
1 polymer CC-Hept-IV-hen2
2 non-polymer GLYCEROL
3 non-polymer 'SODIUM ION'
4 water water
#
_entity_poly.entity_id   1
_entity_poly.type   'polypeptide(L)'
_entity_poly.pdbx_seq_one_letter_code
;(ACE)GEVAQAIKEVAKAVAAAIKEVAWAIKEVAQAIKG(NH2)
;
_entity_poly.pdbx_strand_id   A,B,C,D,E,F,G
#
# COMPACT_ATOMS: atom_id res chain seq x y z
N GLY A 2 -5.65 -23.34 13.79
CA GLY A 2 -6.46 -22.47 14.59
C GLY A 2 -7.08 -21.32 13.80
N GLU A 3 -8.21 -20.81 14.28
CA GLU A 3 -8.95 -19.83 13.49
C GLU A 3 -8.16 -18.51 13.37
N VAL A 4 -7.45 -18.09 14.42
CA VAL A 4 -6.72 -16.83 14.34
C VAL A 4 -5.58 -16.98 13.34
N ALA A 5 -4.80 -18.05 13.43
CA ALA A 5 -3.71 -18.27 12.48
C ALA A 5 -4.25 -18.34 11.05
N GLN A 6 -5.38 -19.03 10.86
CA GLN A 6 -5.94 -19.17 9.52
C GLN A 6 -6.40 -17.81 9.01
N ALA A 7 -6.96 -16.96 9.87
CA ALA A 7 -7.38 -15.63 9.44
C ALA A 7 -6.18 -14.78 9.02
N ILE A 8 -5.08 -14.88 9.77
CA ILE A 8 -3.86 -14.14 9.45
C ILE A 8 -3.29 -14.63 8.12
N LYS A 9 -3.30 -15.95 7.87
CA LYS A 9 -2.87 -16.48 6.59
C LYS A 9 -3.73 -15.93 5.45
N GLU A 10 -5.02 -15.70 5.73
CA GLU A 10 -5.92 -15.14 4.72
C GLU A 10 -5.52 -13.69 4.40
N VAL A 11 -5.14 -12.92 5.43
CA VAL A 11 -4.62 -11.58 5.20
C VAL A 11 -3.42 -11.66 4.24
N ALA A 12 -2.46 -12.54 4.55
CA ALA A 12 -1.27 -12.65 3.71
C ALA A 12 -1.68 -12.94 2.26
N LYS A 13 -2.57 -13.93 2.08
CA LYS A 13 -2.92 -14.41 0.75
C LYS A 13 -3.68 -13.31 -0.01
N ALA A 14 -4.70 -12.74 0.62
CA ALA A 14 -5.60 -11.84 -0.09
C ALA A 14 -4.89 -10.51 -0.38
N VAL A 15 -4.18 -10.01 0.61
CA VAL A 15 -3.55 -8.70 0.45
C VAL A 15 -2.40 -8.82 -0.56
N ALA A 16 -1.59 -9.87 -0.48
CA ALA A 16 -0.51 -10.05 -1.45
C ALA A 16 -1.06 -10.19 -2.86
N ALA A 17 -2.15 -10.96 -3.04
CA ALA A 17 -2.71 -11.15 -4.38
C ALA A 17 -3.19 -9.81 -4.93
N ALA A 18 -3.82 -8.98 -4.10
CA ALA A 18 -4.34 -7.70 -4.55
C ALA A 18 -3.18 -6.79 -4.94
N ILE A 19 -2.11 -6.81 -4.15
CA ILE A 19 -0.95 -5.97 -4.45
C ILE A 19 -0.30 -6.40 -5.77
N LYS A 20 -0.24 -7.70 -6.04
CA LYS A 20 0.24 -8.16 -7.34
C LYS A 20 -0.61 -7.60 -8.48
N GLU A 21 -1.94 -7.49 -8.31
CA GLU A 21 -2.79 -6.89 -9.33
CA GLU A 21 -2.79 -6.89 -9.32
C GLU A 21 -2.36 -5.44 -9.58
N VAL A 22 -1.97 -4.72 -8.53
CA VAL A 22 -1.45 -3.36 -8.69
C VAL A 22 -0.17 -3.38 -9.53
N ALA A 23 0.73 -4.32 -9.26
CA ALA A 23 1.97 -4.42 -10.04
C ALA A 23 1.67 -4.65 -11.52
N TRP A 24 0.74 -5.56 -11.81
N TRP A 24 0.72 -5.54 -11.83
CA TRP A 24 0.39 -5.86 -13.19
CA TRP A 24 0.43 -5.84 -13.22
C TRP A 24 -0.18 -4.62 -13.88
C TRP A 24 -0.24 -4.66 -13.91
N ALA A 25 -1.04 -3.86 -13.18
CA ALA A 25 -1.67 -2.67 -13.75
C ALA A 25 -0.59 -1.63 -14.07
N ILE A 26 0.41 -1.52 -13.19
CA ILE A 26 1.49 -0.57 -13.43
C ILE A 26 2.31 -0.99 -14.64
N LYS A 27 2.55 -2.30 -14.83
CA LYS A 27 3.21 -2.79 -16.02
C LYS A 27 2.44 -2.39 -17.28
N GLU A 28 1.09 -2.39 -17.20
CA GLU A 28 0.27 -1.93 -18.32
C GLU A 28 0.51 -0.44 -18.62
N VAL A 29 0.72 0.38 -17.58
CA VAL A 29 1.05 1.79 -17.76
C VAL A 29 2.40 1.91 -18.47
N ALA A 30 3.39 1.12 -18.05
CA ALA A 30 4.70 1.14 -18.69
C ALA A 30 4.58 0.81 -20.18
N GLN A 31 3.78 -0.22 -20.49
CA GLN A 31 3.62 -0.64 -21.86
C GLN A 31 2.92 0.44 -22.68
N ALA A 32 1.95 1.12 -22.07
CA ALA A 32 1.21 2.19 -22.73
C ALA A 32 2.15 3.33 -23.11
N ILE A 33 3.07 3.67 -22.21
CA ILE A 33 4.02 4.73 -22.46
C ILE A 33 4.99 4.33 -23.58
N LYS A 34 5.50 3.10 -23.51
CA LYS A 34 6.46 2.58 -24.49
C LYS A 34 5.83 2.59 -25.88
N GLY A 35 4.52 2.31 -25.96
CA GLY A 35 3.83 2.23 -27.23
C GLY A 35 3.46 3.61 -27.75
N GLY B 2 -14.78 -16.96 16.20
CA GLY B 2 -14.41 -16.02 17.23
C GLY B 2 -14.27 -14.60 16.72
N GLU B 3 -14.44 -13.64 17.63
CA GLU B 3 -14.52 -12.26 17.21
C GLU B 3 -13.16 -11.77 16.69
N VAL B 4 -12.04 -12.21 17.27
CA VAL B 4 -10.74 -11.75 16.78
C VAL B 4 -10.49 -12.30 15.38
N ALA B 5 -10.72 -13.59 15.18
CA ALA B 5 -10.52 -14.18 13.85
C ALA B 5 -11.42 -13.51 12.81
N GLN B 6 -12.67 -13.25 13.18
CA GLN B 6 -13.60 -12.62 12.24
C GLN B 6 -13.12 -11.22 11.89
N ALA B 7 -12.61 -10.47 12.87
CA ALA B 7 -12.09 -9.14 12.61
C ALA B 7 -10.88 -9.18 11.67
N ILE B 8 -10.00 -10.15 11.87
CA ILE B 8 -8.85 -10.29 11.00
C ILE B 8 -9.29 -10.64 9.57
N LYS B 9 -10.28 -11.53 9.43
CA LYS B 9 -10.84 -11.81 8.12
C LYS B 9 -11.40 -10.56 7.46
N GLU B 10 -11.99 -9.66 8.26
CA GLU B 10 -12.52 -8.42 7.72
C GLU B 10 -11.39 -7.52 7.22
N VAL B 11 -10.24 -7.51 7.90
CA VAL B 11 -9.07 -6.80 7.39
C VAL B 11 -8.71 -7.37 6.01
N ALA B 12 -8.59 -8.70 5.91
CA ALA B 12 -8.22 -9.32 4.64
C ALA B 12 -9.19 -8.87 3.54
N LYS B 13 -10.49 -8.98 3.83
CA LYS B 13 -11.49 -8.71 2.81
C LYS B 13 -11.47 -7.23 2.40
N ALA B 14 -11.55 -6.34 3.38
CA ALA B 14 -11.74 -4.92 3.09
C ALA B 14 -10.47 -4.33 2.46
N VAL B 15 -9.32 -4.70 2.98
CA VAL B 15 -8.07 -4.13 2.49
C VAL B 15 -7.78 -4.68 1.09
N ALA B 16 -7.95 -5.98 0.88
CA ALA B 16 -7.73 -6.55 -0.45
C ALA B 16 -8.67 -5.90 -1.48
N ALA B 17 -9.94 -5.70 -1.11
CA ALA B 17 -10.90 -5.13 -2.05
C ALA B 17 -10.48 -3.70 -2.40
N ALA B 18 -10.05 -2.91 -1.41
CA ALA B 18 -9.63 -1.53 -1.67
C ALA B 18 -8.40 -1.50 -2.58
N ILE B 19 -7.45 -2.42 -2.36
CA ILE B 19 -6.27 -2.46 -3.19
C ILE B 19 -6.63 -2.84 -4.63
N LYS B 20 -7.59 -3.75 -4.82
CA LYS B 20 -8.05 -4.07 -6.16
C LYS B 20 -8.63 -2.82 -6.84
N GLU B 21 -9.29 -1.93 -6.09
CA GLU B 21 -9.81 -0.69 -6.67
C GLU B 21 -8.64 0.18 -7.15
N VAL B 22 -7.55 0.21 -6.40
CA VAL B 22 -6.34 0.91 -6.86
C VAL B 22 -5.82 0.30 -8.17
N ALA B 23 -5.76 -1.02 -8.26
CA ALA B 23 -5.28 -1.68 -9.47
C ALA B 23 -6.15 -1.28 -10.66
N TRP B 24 -7.47 -1.27 -10.47
CA TRP B 24 -8.36 -0.93 -11.56
C TRP B 24 -8.16 0.53 -12.00
N ALA B 25 -8.00 1.44 -11.03
CA ALA B 25 -7.75 2.83 -11.37
C ALA B 25 -6.46 3.00 -12.17
N ILE B 26 -5.43 2.21 -11.84
CA ILE B 26 -4.18 2.25 -12.60
C ILE B 26 -4.41 1.73 -14.03
N LYS B 27 -5.23 0.69 -14.18
CA LYS B 27 -5.63 0.25 -15.52
C LYS B 27 -6.29 1.38 -16.32
N GLU B 28 -7.09 2.21 -15.64
CA GLU B 28 -7.72 3.34 -16.30
C GLU B 28 -6.67 4.35 -16.77
N VAL B 29 -5.63 4.56 -15.96
CA VAL B 29 -4.52 5.42 -16.37
C VAL B 29 -3.87 4.86 -17.65
N ALA B 30 -3.55 3.56 -17.66
CA ALA B 30 -2.98 2.96 -18.87
C ALA B 30 -3.87 3.18 -20.10
N GLN B 31 -5.19 2.99 -19.92
CA GLN B 31 -6.13 3.16 -21.04
C GLN B 31 -6.12 4.61 -21.52
N ALA B 32 -6.04 5.56 -20.58
CA ALA B 32 -6.02 6.98 -20.95
C ALA B 32 -4.77 7.32 -21.77
N ILE B 33 -3.63 6.77 -21.38
CA ILE B 33 -2.37 6.99 -22.09
C ILE B 33 -2.47 6.45 -23.52
N LYS B 34 -3.06 5.28 -23.68
CA LYS B 34 -3.17 4.62 -24.96
C LYS B 34 -4.20 5.28 -25.87
N GLY B 35 -5.06 6.15 -25.32
CA GLY B 35 -6.15 6.71 -26.10
C GLY B 35 -7.39 5.81 -26.11
N GLY C 2 5.23 -21.50 16.54
CA GLY C 2 3.81 -21.53 16.74
C GLY C 2 3.03 -21.06 15.52
N GLU C 3 1.79 -21.51 15.41
CA GLU C 3 1.01 -21.23 14.21
C GLU C 3 0.74 -19.73 14.04
N VAL C 4 0.45 -19.01 15.12
CA VAL C 4 0.16 -17.58 14.98
C VAL C 4 1.41 -16.84 14.52
N ALA C 5 2.54 -17.10 15.20
CA ALA C 5 3.78 -16.44 14.78
C ALA C 5 4.12 -16.78 13.34
N GLN C 6 3.97 -18.04 12.94
CA GLN C 6 4.28 -18.43 11.57
C GLN C 6 3.36 -17.74 10.57
N ALA C 7 2.09 -17.55 10.92
CA ALA C 7 1.15 -16.87 10.04
C ALA C 7 1.54 -15.40 9.87
N ILE C 8 1.97 -14.77 10.97
CA ILE C 8 2.38 -13.38 10.92
C ILE C 8 3.64 -13.24 10.06
N LYS C 9 4.57 -14.18 10.20
CA LYS C 9 5.76 -14.16 9.34
C LYS C 9 5.38 -14.32 7.87
N GLU C 10 4.31 -15.06 7.58
CA GLU C 10 3.86 -15.22 6.21
C GLU C 10 3.30 -13.89 5.66
N VAL C 11 2.59 -13.15 6.52
CA VAL C 11 2.18 -11.80 6.13
C VAL C 11 3.40 -10.97 5.75
N ALA C 12 4.42 -10.95 6.61
CA ALA C 12 5.62 -10.17 6.33
C ALA C 12 6.17 -10.55 4.96
N LYS C 13 6.37 -11.85 4.74
CA LYS C 13 7.04 -12.36 3.55
C LYS C 13 6.20 -12.04 2.30
N ALA C 14 4.92 -12.41 2.31
CA ALA C 14 4.10 -12.33 1.12
C ALA C 14 3.80 -10.88 0.75
N VAL C 15 3.47 -10.08 1.76
CA VAL C 15 3.12 -8.70 1.49
C VAL C 15 4.37 -7.93 1.04
N ALA C 16 5.51 -8.13 1.70
CA ALA C 16 6.72 -7.43 1.28
C ALA C 16 7.09 -7.83 -0.15
N ALA C 17 6.99 -9.13 -0.48
CA ALA C 17 7.38 -9.56 -1.82
C ALA C 17 6.47 -8.92 -2.87
N ALA C 18 5.17 -8.83 -2.59
CA ALA C 18 4.23 -8.26 -3.55
C ALA C 18 4.52 -6.77 -3.72
N ILE C 19 4.81 -6.07 -2.62
CA ILE C 19 5.11 -4.64 -2.71
C ILE C 19 6.39 -4.41 -3.50
N LYS C 20 7.38 -5.30 -3.39
CA LYS C 20 8.59 -5.19 -4.22
C LYS C 20 8.28 -5.39 -5.71
N GLU C 21 7.29 -6.23 -6.04
CA GLU C 21 6.82 -6.34 -7.42
C GLU C 21 6.25 -5.01 -7.93
N VAL C 22 5.52 -4.28 -7.07
CA VAL C 22 5.03 -2.95 -7.42
C VAL C 22 6.22 -2.02 -7.68
N ALA C 23 7.23 -2.03 -6.81
CA ALA C 23 8.39 -1.18 -7.02
C ALA C 23 9.05 -1.47 -8.36
N TRP C 24 9.19 -2.75 -8.72
CA TRP C 24 9.82 -3.09 -9.98
C TRP C 24 8.99 -2.57 -11.16
N ALA C 25 7.67 -2.73 -11.11
CA ALA C 25 6.80 -2.25 -12.17
C ALA C 25 6.96 -0.74 -12.34
N ILE C 26 7.09 0.00 -11.23
CA ILE C 26 7.28 1.43 -11.30
C ILE C 26 8.62 1.76 -11.95
N LYS C 27 9.69 0.99 -11.67
CA LYS C 27 10.95 1.18 -12.38
C LYS C 27 10.75 0.99 -13.88
N GLU C 28 9.89 0.05 -14.27
CA GLU C 28 9.57 -0.17 -15.68
C GLU C 28 8.89 1.06 -16.29
N VAL C 29 8.03 1.74 -15.52
CA VAL C 29 7.42 2.98 -15.97
C VAL C 29 8.52 4.01 -16.22
N ALA C 30 9.43 4.17 -15.26
CA ALA C 30 10.54 5.11 -15.43
C ALA C 30 11.32 4.81 -16.69
N GLN C 31 11.60 3.53 -16.96
CA GLN C 31 12.39 3.12 -18.11
C GLN C 31 11.65 3.46 -19.41
N ALA C 32 10.32 3.26 -19.41
CA ALA C 32 9.50 3.57 -20.59
C ALA C 32 9.56 5.07 -20.87
N ILE C 33 9.50 5.89 -19.82
CA ILE C 33 9.53 7.33 -19.99
C ILE C 33 10.89 7.74 -20.57
N LYS C 34 11.98 7.17 -20.02
CA LYS C 34 13.34 7.53 -20.43
C LYS C 34 13.52 7.23 -21.91
N GLY C 35 12.85 6.17 -22.37
CA GLY C 35 12.94 5.69 -23.73
C GLY C 35 12.13 6.56 -24.70
N GLY D 2 4.26 -3.95 27.18
CA GLY D 2 4.42 -5.33 26.76
C GLY D 2 5.03 -5.47 25.37
N GLU D 3 5.69 -6.60 25.13
CA GLU D 3 6.42 -6.76 23.89
C GLU D 3 5.49 -6.81 22.68
N VAL D 4 4.31 -7.44 22.78
CA VAL D 4 3.42 -7.50 21.62
C VAL D 4 2.91 -6.09 21.29
N ALA D 5 2.45 -5.35 22.30
CA ALA D 5 1.99 -3.99 22.06
C ALA D 5 3.10 -3.12 21.47
N GLN D 6 4.31 -3.24 21.99
CA GLN D 6 5.43 -2.45 21.47
CA GLN D 6 5.42 -2.45 21.47
C GLN D 6 5.70 -2.81 20.00
N ALA D 7 5.62 -4.10 19.68
CA ALA D 7 5.87 -4.53 18.30
C ALA D 7 4.81 -3.94 17.35
N ILE D 8 3.56 -3.96 17.80
CA ILE D 8 2.47 -3.39 17.01
C ILE D 8 2.69 -1.88 16.80
N LYS D 9 3.11 -1.17 17.86
CA LYS D 9 3.43 0.25 17.74
C LYS D 9 4.53 0.48 16.71
N GLU D 10 5.47 -0.45 16.63
CA GLU D 10 6.56 -0.35 15.65
C GLU D 10 6.03 -0.53 14.23
N VAL D 11 5.06 -1.43 14.02
CA VAL D 11 4.41 -1.52 12.72
C VAL D 11 3.80 -0.17 12.37
N ALA D 12 3.04 0.45 13.30
CA ALA D 12 2.41 1.74 13.02
C ALA D 12 3.46 2.76 12.59
N LYS D 13 4.53 2.86 13.37
CA LYS D 13 5.55 3.88 13.14
C LYS D 13 6.24 3.64 11.80
N ALA D 14 6.77 2.43 11.61
CA ALA D 14 7.64 2.15 10.47
C ALA D 14 6.84 2.19 9.18
N VAL D 15 5.66 1.57 9.17
CA VAL D 15 4.88 1.51 7.95
C VAL D 15 4.36 2.91 7.61
N ALA D 16 3.86 3.67 8.58
CA ALA D 16 3.36 5.01 8.26
C ALA D 16 4.51 5.87 7.70
N ALA D 17 5.71 5.78 8.31
CA ALA D 17 6.82 6.60 7.85
C ALA D 17 7.18 6.26 6.41
N ALA D 18 7.19 4.97 6.08
CA ALA D 18 7.54 4.53 4.73
C ALA D 18 6.49 5.03 3.74
N ILE D 19 5.21 4.97 4.12
CA ILE D 19 4.14 5.43 3.25
C ILE D 19 4.27 6.94 3.02
N LYS D 20 4.68 7.69 4.05
CA LYS D 20 4.94 9.12 3.86
C LYS D 20 6.05 9.38 2.85
N GLU D 21 7.07 8.49 2.79
CA GLU D 21 8.11 8.61 1.78
C GLU D 21 7.52 8.45 0.37
N VAL D 22 6.57 7.54 0.23
CA VAL D 22 5.87 7.36 -1.04
C VAL D 22 5.15 8.66 -1.41
N ALA D 23 4.43 9.26 -0.45
CA ALA D 23 3.71 10.50 -0.74
C ALA D 23 4.69 11.56 -1.24
N TRP D 24 5.84 11.69 -0.59
CA TRP D 24 6.81 12.70 -0.99
C TRP D 24 7.31 12.44 -2.41
N ALA D 25 7.62 11.19 -2.72
CA ALA D 25 8.08 10.80 -4.04
C ALA D 25 7.05 11.16 -5.11
N ILE D 26 5.77 10.96 -4.81
CA ILE D 26 4.72 11.33 -5.74
C ILE D 26 4.63 12.85 -5.92
N LYS D 27 4.81 13.63 -4.83
CA LYS D 27 4.90 15.08 -4.99
C LYS D 27 6.05 15.46 -5.92
N GLU D 28 7.15 14.70 -5.88
CA GLU D 28 8.26 14.97 -6.79
C GLU D 28 7.87 14.69 -8.24
N VAL D 29 7.03 13.68 -8.48
CA VAL D 29 6.51 13.45 -9.82
C VAL D 29 5.67 14.66 -10.25
N ALA D 30 4.79 15.16 -9.38
CA ALA D 30 3.98 16.31 -9.71
C ALA D 30 4.86 17.49 -10.10
N GLN D 31 5.94 17.72 -9.34
CA GLN D 31 6.84 18.84 -9.61
C GLN D 31 7.54 18.68 -10.95
N ALA D 32 7.95 17.44 -11.27
CA ALA D 32 8.61 17.14 -12.53
C ALA D 32 7.69 17.48 -13.70
N ILE D 33 6.41 17.10 -13.57
CA ILE D 33 5.45 17.39 -14.64
C ILE D 33 5.23 18.90 -14.79
N LYS D 34 5.13 19.62 -13.67
CA LYS D 34 4.91 21.05 -13.68
C LYS D 34 6.06 21.79 -14.38
N GLY D 35 7.27 21.29 -14.17
CA GLY D 35 8.48 21.89 -14.71
C GLY D 35 8.64 21.54 -16.18
N GLY E 2 9.63 -12.89 22.59
CA GLY E 2 8.65 -13.88 22.22
C GLY E 2 8.41 -13.96 20.72
N GLU E 3 7.94 -15.12 20.28
CA GLU E 3 7.86 -15.40 18.85
C GLU E 3 6.79 -14.53 18.19
N VAL E 4 5.66 -14.26 18.87
CA VAL E 4 4.64 -13.43 18.24
C VAL E 4 5.16 -11.99 18.09
N ALA E 5 5.72 -11.41 19.15
CA ALA E 5 6.28 -10.08 19.08
C ALA E 5 7.35 -9.99 18.00
N GLN E 6 8.23 -11.00 17.90
CA GLN E 6 9.30 -10.98 16.92
C GLN E 6 8.73 -11.05 15.50
N ALA E 7 7.67 -11.84 15.30
CA ALA E 7 7.03 -11.92 14.00
C ALA E 7 6.42 -10.58 13.60
N ILE E 8 5.78 -9.90 14.56
CA ILE E 8 5.19 -8.60 14.28
C ILE E 8 6.28 -7.58 13.95
N LYS E 9 7.41 -7.60 14.67
CA LYS E 9 8.54 -6.75 14.32
C LYS E 9 9.02 -7.02 12.88
N GLU E 10 8.96 -8.28 12.45
CA GLU E 10 9.37 -8.65 11.10
C GLU E 10 8.42 -8.06 10.06
N VAL E 11 7.12 -8.03 10.36
CA VAL E 11 6.16 -7.31 9.52
C VAL E 11 6.58 -5.85 9.39
N ALA E 12 6.85 -5.19 10.52
CA ALA E 12 7.23 -3.78 10.49
C ALA E 12 8.43 -3.57 9.58
N LYS E 13 9.47 -4.38 9.80
CA LYS E 13 10.73 -4.22 9.07
C LYS E 13 10.52 -4.50 7.58
N ALA E 14 9.94 -5.65 7.26
CA ALA E 14 9.88 -6.11 5.88
C ALA E 14 8.95 -5.23 5.06
N VAL E 15 7.77 -4.95 5.61
CA VAL E 15 6.79 -4.17 4.87
C VAL E 15 7.26 -2.73 4.71
N ALA E 16 7.84 -2.13 5.76
CA ALA E 16 8.35 -0.76 5.62
C ALA E 16 9.45 -0.71 4.57
N ALA E 17 10.37 -1.68 4.59
CA ALA E 17 11.47 -1.69 3.63
C ALA E 17 10.93 -1.78 2.21
N ALA E 18 9.91 -2.61 2.01
CA ALA E 18 9.35 -2.79 0.69
C ALA E 18 8.69 -1.51 0.20
N ILE E 19 7.97 -0.82 1.11
CA ILE E 19 7.31 0.43 0.75
C ILE E 19 8.33 1.50 0.43
N LYS E 20 9.47 1.52 1.13
CA LYS E 20 10.55 2.44 0.77
C LYS E 20 11.04 2.17 -0.65
N GLU E 21 11.10 0.89 -1.06
CA GLU E 21 11.52 0.59 -2.42
C GLU E 21 10.54 1.20 -3.43
N VAL E 22 9.26 1.20 -3.11
CA VAL E 22 8.26 1.86 -3.95
C VAL E 22 8.57 3.36 -4.04
N ALA E 23 8.85 4.01 -2.92
CA ALA E 23 9.16 5.43 -2.94
C ALA E 23 10.37 5.70 -3.84
N TRP E 24 11.41 4.88 -3.74
CA TRP E 24 12.62 5.12 -4.53
C TRP E 24 12.30 4.93 -6.03
N ALA E 25 11.47 3.95 -6.35
CA ALA E 25 11.08 3.73 -7.74
C ALA E 25 10.29 4.93 -8.27
N ILE E 26 9.41 5.52 -7.45
CA ILE E 26 8.64 6.68 -7.88
C ILE E 26 9.57 7.86 -8.12
N LYS E 27 10.62 8.03 -7.31
CA LYS E 27 11.62 9.05 -7.56
C LYS E 27 12.27 8.84 -8.92
N GLU E 28 12.48 7.59 -9.35
CA GLU E 28 13.05 7.33 -10.66
C GLU E 28 12.11 7.83 -11.75
N VAL E 29 10.79 7.68 -11.55
CA VAL E 29 9.82 8.22 -12.49
C VAL E 29 9.95 9.74 -12.56
N ALA E 30 10.03 10.41 -11.41
CA ALA E 30 10.17 11.86 -11.40
C ALA E 30 11.41 12.28 -12.18
N GLN E 31 12.54 11.60 -11.94
CA GLN E 31 13.77 11.91 -12.64
C GLN E 31 13.63 11.69 -14.15
N ALA E 32 12.94 10.62 -14.54
CA ALA E 32 12.76 10.34 -15.96
C ALA E 32 11.96 11.45 -16.64
N ILE E 33 10.91 11.94 -15.95
CA ILE E 33 10.09 13.03 -16.49
C ILE E 33 10.94 14.29 -16.63
N LYS E 34 11.75 14.58 -15.61
CA LYS E 34 12.57 15.78 -15.57
C LYS E 34 13.61 15.78 -16.71
N GLY E 35 14.12 14.59 -17.03
CA GLY E 35 15.14 14.43 -18.04
C GLY E 35 14.54 14.46 -19.44
N GLY F 2 -15.27 -7.26 22.04
CA GLY F 2 -14.01 -7.11 22.73
C GLY F 2 -13.14 -6.00 22.15
N GLU F 3 -12.27 -5.45 22.99
CA GLU F 3 -11.50 -4.29 22.57
C GLU F 3 -10.50 -4.65 21.46
N VAL F 4 -9.88 -5.83 21.52
CA VAL F 4 -8.92 -6.17 20.46
C VAL F 4 -9.66 -6.35 19.13
N ALA F 5 -10.77 -7.08 19.13
CA ALA F 5 -11.52 -7.29 17.89
C ALA F 5 -11.99 -5.94 17.35
N GLN F 6 -12.49 -5.06 18.21
CA GLN F 6 -12.97 -3.75 17.75
C GLN F 6 -11.81 -2.94 17.14
N ALA F 7 -10.63 -3.00 17.73
CA ALA F 7 -9.48 -2.29 17.20
C ALA F 7 -9.10 -2.82 15.81
N ILE F 8 -9.14 -4.15 15.65
CA ILE F 8 -8.79 -4.75 14.36
C ILE F 8 -9.83 -4.35 13.32
N LYS F 9 -11.12 -4.31 13.69
CA LYS F 9 -12.15 -3.82 12.76
C LYS F 9 -11.87 -2.38 12.34
N GLU F 10 -11.37 -1.56 13.27
CA GLU F 10 -11.03 -0.18 12.96
C GLU F 10 -9.88 -0.10 11.95
N VAL F 11 -8.90 -1.01 12.07
CA VAL F 11 -7.85 -1.10 11.04
C VAL F 11 -8.52 -1.36 9.68
N ALA F 12 -9.41 -2.36 9.63
CA ALA F 12 -10.03 -2.70 8.35
C ALA F 12 -10.72 -1.47 7.77
N LYS F 13 -11.52 -0.79 8.59
CA LYS F 13 -12.33 0.32 8.11
C LYS F 13 -11.45 1.48 7.66
N ALA F 14 -10.53 1.90 8.53
CA ALA F 14 -9.77 3.12 8.29
C ALA F 14 -8.82 2.90 7.11
N VAL F 15 -8.14 1.77 7.09
CA VAL F 15 -7.14 1.56 6.06
C VAL F 15 -7.84 1.33 4.71
N ALA F 16 -8.91 0.56 4.66
CA ALA F 16 -9.63 0.38 3.40
C ALA F 16 -10.13 1.73 2.88
N ALA F 17 -10.67 2.58 3.76
CA ALA F 17 -11.22 3.86 3.30
C ALA F 17 -10.11 4.73 2.70
N ALA F 18 -8.95 4.74 3.36
CA ALA F 18 -7.84 5.55 2.88
C ALA F 18 -7.35 5.03 1.52
N ILE F 19 -7.28 3.71 1.36
CA ILE F 19 -6.82 3.13 0.11
C ILE F 19 -7.81 3.50 -1.00
N LYS F 20 -9.11 3.52 -0.70
CA LYS F 20 -10.09 3.94 -1.69
C LYS F 20 -9.85 5.39 -2.12
N GLU F 21 -9.40 6.25 -1.21
CA GLU F 21 -9.08 7.61 -1.58
C GLU F 21 -7.93 7.63 -2.58
N VAL F 22 -6.95 6.76 -2.38
CA VAL F 22 -5.86 6.59 -3.35
C VAL F 22 -6.41 6.19 -4.72
N ALA F 23 -7.29 5.19 -4.75
CA ALA F 23 -7.89 4.75 -6.02
C ALA F 23 -8.58 5.93 -6.72
N TRP F 24 -9.34 6.72 -5.97
CA TRP F 24 -10.08 7.83 -6.56
C TRP F 24 -9.12 8.87 -7.13
N ALA F 25 -8.05 9.15 -6.38
CA ALA F 25 -7.05 10.11 -6.87
C ALA F 25 -6.43 9.64 -8.19
N ILE F 26 -6.18 8.33 -8.31
CA ILE F 26 -5.61 7.77 -9.52
C ILE F 26 -6.61 7.89 -10.67
N LYS F 27 -7.91 7.71 -10.40
CA LYS F 27 -8.91 7.91 -11.42
C LYS F 27 -8.86 9.36 -11.92
N GLU F 28 -8.60 10.32 -11.01
CA GLU F 28 -8.50 11.72 -11.41
C GLU F 28 -7.30 11.93 -12.35
N VAL F 29 -6.19 11.23 -12.07
CA VAL F 29 -5.04 11.27 -12.98
C VAL F 29 -5.43 10.73 -14.36
N ALA F 30 -6.18 9.63 -14.42
CA ALA F 30 -6.61 9.09 -15.70
C ALA F 30 -7.44 10.12 -16.46
N GLN F 31 -8.34 10.82 -15.76
CA GLN F 31 -9.22 11.76 -16.43
C GLN F 31 -8.43 12.99 -16.91
N ALA F 32 -7.39 13.36 -16.13
CA ALA F 32 -6.52 14.45 -16.54
C ALA F 32 -5.78 14.11 -17.82
N ILE F 33 -5.29 12.87 -17.92
CA ILE F 33 -4.57 12.44 -19.12
C ILE F 33 -5.49 12.43 -20.33
N LYS F 34 -6.73 11.94 -20.13
CA LYS F 34 -7.69 11.85 -21.22
C LYS F 34 -7.95 13.23 -21.81
N GLY F 35 -7.95 14.25 -20.95
CA GLY F 35 -8.18 15.63 -21.38
C GLY F 35 -7.00 16.15 -22.18
N GLY G 2 -6.80 -1.48 26.95
CA GLY G 2 -5.65 -2.36 26.98
C GLY G 2 -4.57 -1.95 25.99
N GLU G 3 -3.33 -2.28 26.33
CA GLU G 3 -2.20 -1.81 25.53
C GLU G 3 -2.25 -2.40 24.12
N VAL G 4 -2.64 -3.69 23.97
CA VAL G 4 -2.64 -4.26 22.63
C VAL G 4 -3.70 -3.59 21.77
N ALA G 5 -4.93 -3.43 22.29
CA ALA G 5 -5.97 -2.76 21.55
C ALA G 5 -5.55 -1.35 21.19
N GLN G 6 -4.93 -0.63 22.12
CA GLN G 6 -4.50 0.75 21.87
C GLN G 6 -3.43 0.78 20.77
N ALA G 7 -2.50 -0.18 20.76
CA ALA G 7 -1.48 -0.24 19.72
C ALA G 7 -2.11 -0.50 18.35
N ILE G 8 -3.11 -1.38 18.31
CA ILE G 8 -3.77 -1.69 17.06
C ILE G 8 -4.50 -0.44 16.55
N LYS G 9 -5.15 0.31 17.45
CA LYS G 9 -5.80 1.56 17.08
C LYS G 9 -4.79 2.54 16.49
N GLU G 10 -3.57 2.54 17.02
CA GLU G 10 -2.53 3.42 16.51
C GLU G 10 -2.13 3.02 15.08
N VAL G 11 -2.08 1.71 14.80
CA VAL G 11 -1.86 1.24 13.43
C VAL G 11 -2.95 1.83 12.52
N ALA G 12 -4.22 1.67 12.90
CA ALA G 12 -5.30 2.18 12.07
C ALA G 12 -5.10 3.68 11.81
N LYS G 13 -4.88 4.45 12.87
CA LYS G 13 -4.78 5.90 12.78
C LYS G 13 -3.60 6.31 11.89
N ALA G 14 -2.41 5.81 12.23
CA ALA G 14 -1.19 6.29 11.58
C ALA G 14 -1.13 5.82 10.12
N VAL G 15 -1.48 4.56 9.89
CA VAL G 15 -1.35 4.04 8.52
C VAL G 15 -2.42 4.67 7.64
N ALA G 16 -3.65 4.81 8.14
CA ALA G 16 -4.68 5.48 7.32
C ALA G 16 -4.29 6.92 6.98
N ALA G 17 -3.74 7.65 7.96
CA ALA G 17 -3.38 9.04 7.72
C ALA G 17 -2.29 9.14 6.65
N ALA G 18 -1.31 8.24 6.73
CA ALA G 18 -0.20 8.27 5.77
C ALA G 18 -0.72 7.95 4.36
N ILE G 19 -1.64 6.99 4.27
CA ILE G 19 -2.20 6.62 2.97
C ILE G 19 -3.00 7.80 2.40
N LYS G 20 -3.71 8.54 3.26
CA LYS G 20 -4.40 9.74 2.78
C LYS G 20 -3.40 10.75 2.19
N GLU G 21 -2.21 10.86 2.78
CA GLU G 21 -1.18 11.75 2.22
C GLU G 21 -0.79 11.29 0.82
N VAL G 22 -0.71 9.99 0.60
CA VAL G 22 -0.46 9.48 -0.75
C VAL G 22 -1.58 9.91 -1.71
N ALA G 23 -2.84 9.79 -1.29
CA ALA G 23 -3.95 10.22 -2.16
C ALA G 23 -3.81 11.70 -2.53
N TRP G 24 -3.48 12.55 -1.55
CA TRP G 24 -3.38 13.97 -1.79
C TRP G 24 -2.26 14.27 -2.79
N ALA G 25 -1.13 13.56 -2.65
CA ALA G 25 -0.02 13.74 -3.57
C ALA G 25 -0.43 13.36 -4.99
N ILE G 26 -1.21 12.28 -5.13
CA ILE G 26 -1.65 11.85 -6.44
C ILE G 26 -2.58 12.90 -7.05
N LYS G 27 -3.43 13.54 -6.23
CA LYS G 27 -4.23 14.65 -6.73
C LYS G 27 -3.34 15.77 -7.26
N GLU G 28 -2.19 16.01 -6.63
CA GLU G 28 -1.26 17.01 -7.14
C GLU G 28 -0.74 16.63 -8.53
N VAL G 29 -0.51 15.34 -8.76
CA VAL G 29 -0.08 14.88 -10.08
C VAL G 29 -1.18 15.17 -11.10
N ALA G 30 -2.43 14.87 -10.74
CA ALA G 30 -3.55 15.16 -11.64
C ALA G 30 -3.59 16.65 -11.99
N GLN G 31 -3.44 17.52 -10.98
CA GLN G 31 -3.46 18.96 -11.21
C GLN G 31 -2.29 19.38 -12.09
N ALA G 32 -1.12 18.75 -11.92
CA ALA G 32 0.05 19.13 -12.71
C ALA G 32 -0.19 18.79 -14.19
N ILE G 33 -0.81 17.64 -14.44
CA ILE G 33 -1.11 17.21 -15.80
C ILE G 33 -2.10 18.19 -16.44
N LYS G 34 -3.15 18.55 -15.70
CA LYS G 34 -4.16 19.49 -16.17
C LYS G 34 -3.59 20.88 -16.46
N GLY G 35 -2.53 21.29 -15.75
CA GLY G 35 -1.89 22.57 -15.96
C GLY G 35 -0.93 22.51 -17.15
#